data_5NCF
#
_entry.id   5NCF
#
_cell.length_a   34.715
_cell.length_b   43.364
_cell.length_c   44.181
_cell.angle_alpha   60.97
_cell.angle_beta   84.19
_cell.angle_gamma   84.16
#
_symmetry.space_group_name_H-M   'P 1'
#
loop_
_entity.id
_entity.type
_entity.pdbx_description
1 polymer 'Protein enabled homolog'
2 non-polymer "(1~{S},4~{S},7~{R},10~{R})-14-[(3~{S},6~{R},8~{a}~{S})-1'-[(2~{S})-2-acetamido-3-(2-chlorophenyl)propanoyl]-5-oxidanylidene-spiro[1,2,3,8~{a}-tetrahydroindolizine-6,2'-pyrrolidine]-3-yl]carbonyl-2-oxidanylidene-3,14-diazatricyclo[8.4.0.0^{3,7}]tetradec-8-ene-4-carboxylic acid"
3 non-polymer 'SULFATE ION'
4 non-polymer GLYCEROL
5 non-polymer 'NITRATE ION'
6 water water
#
_entity_poly.entity_id   1
_entity_poly.type   'polypeptide(L)'
_entity_poly.pdbx_seq_one_letter_code
;GSMSEQSICQARAAVMVYDDANKKWVPAGGSTGFSRVHIYHHTGNNTFRVVGRKIQDHQVVINCAIPKGLKYNQATQTFH
QWRDARQVYGLNFGSKEDANVFASAMMHALEVL
;
_entity_poly.pdbx_strand_id   A,B
#
# COMPACT_ATOMS: atom_id res chain seq x y z
N GLY A 1 -0.43 -14.23 -12.34
N GLY A 1 1.49 -14.99 -14.15
CA GLY A 1 0.84 -14.88 -12.77
CA GLY A 1 0.86 -14.97 -12.81
C GLY A 1 1.84 -14.97 -11.64
C GLY A 1 1.86 -15.02 -11.67
N SER A 2 1.48 -15.74 -10.61
CA SER A 2 2.33 -15.83 -9.42
C SER A 2 3.71 -16.36 -9.73
N MET A 3 3.84 -17.23 -10.73
CA MET A 3 5.11 -17.87 -10.99
C MET A 3 5.88 -17.22 -12.12
N SER A 4 5.18 -16.51 -13.02
CA SER A 4 5.82 -15.84 -14.13
C SER A 4 6.05 -14.35 -13.87
N GLU A 5 5.27 -13.72 -12.98
CA GLU A 5 5.31 -12.27 -12.75
C GLU A 5 5.76 -11.93 -11.33
N GLN A 6 6.43 -10.81 -11.21
CA GLN A 6 6.98 -10.31 -9.96
C GLN A 6 6.59 -8.85 -9.81
N SER A 7 6.02 -8.49 -8.66
CA SER A 7 5.66 -7.10 -8.41
C SER A 7 6.92 -6.28 -8.16
N ILE A 8 7.03 -5.12 -8.79
CA ILE A 8 8.17 -4.24 -8.56
C ILE A 8 7.80 -2.99 -7.82
N CYS A 9 6.52 -2.76 -7.58
CA CYS A 9 6.09 -1.67 -6.73
C CYS A 9 4.62 -1.86 -6.36
N GLN A 10 4.25 -1.18 -5.27
CA GLN A 10 2.87 -1.02 -4.85
C GLN A 10 2.69 0.45 -4.52
N ALA A 11 1.61 1.03 -5.02
CA ALA A 11 1.33 2.43 -4.74
C ALA A 11 -0.17 2.68 -4.62
N ARG A 12 -0.54 3.58 -3.73
CA ARG A 12 -1.93 3.93 -3.46
C ARG A 12 -2.39 5.02 -4.43
N ALA A 13 -3.47 4.76 -5.16
CA ALA A 13 -3.98 5.76 -6.11
C ALA A 13 -5.44 5.48 -6.48
N ALA A 14 -6.18 6.55 -6.70
CA ALA A 14 -7.46 6.45 -7.40
C ALA A 14 -7.18 6.37 -8.90
N VAL A 15 -7.62 5.28 -9.51
CA VAL A 15 -7.34 5.00 -10.91
C VAL A 15 -8.51 5.54 -11.73
N MET A 16 -8.19 6.31 -12.75
N MET A 16 -8.20 6.32 -12.76
CA MET A 16 -9.19 6.98 -13.59
CA MET A 16 -9.23 6.92 -13.59
C MET A 16 -8.94 6.61 -15.04
C MET A 16 -8.95 6.65 -15.05
N VAL A 17 -10.02 6.62 -15.84
CA VAL A 17 -9.93 6.52 -17.29
C VAL A 17 -10.62 7.76 -17.86
N TYR A 18 -10.14 8.23 -19.02
CA TYR A 18 -10.67 9.45 -19.60
C TYR A 18 -11.80 9.11 -20.55
N ASP A 19 -12.98 9.67 -20.28
CA ASP A 19 -14.14 9.55 -21.15
C ASP A 19 -13.96 10.57 -22.28
N ASP A 20 -13.42 10.10 -23.40
CA ASP A 20 -13.13 11.02 -24.49
C ASP A 20 -14.41 11.67 -25.03
N ALA A 21 -15.53 10.96 -24.98
CA ALA A 21 -16.76 11.47 -25.58
C ALA A 21 -17.38 12.58 -24.74
N ASN A 22 -17.20 12.49 -23.43
CA ASN A 22 -17.75 13.46 -22.48
C ASN A 22 -16.70 14.43 -21.95
N LYS A 23 -15.43 14.24 -22.28
CA LYS A 23 -14.34 15.13 -21.83
C LYS A 23 -14.28 15.22 -20.31
N LYS A 24 -14.26 14.06 -19.65
CA LYS A 24 -14.25 13.95 -18.20
C LYS A 24 -13.53 12.66 -17.81
N TRP A 25 -12.84 12.70 -16.67
CA TRP A 25 -12.29 11.50 -16.07
C TRP A 25 -13.39 10.74 -15.36
N VAL A 26 -13.31 9.42 -15.42
CA VAL A 26 -14.29 8.53 -14.80
C VAL A 26 -13.51 7.53 -13.96
N PRO A 27 -14.01 7.09 -12.82
CA PRO A 27 -13.29 6.06 -12.06
C PRO A 27 -13.14 4.78 -12.86
N ALA A 28 -11.93 4.26 -12.87
CA ALA A 28 -11.69 2.97 -13.51
C ALA A 28 -12.48 1.90 -12.77
N GLY A 29 -13.19 1.08 -13.54
CA GLY A 29 -13.95 -0.02 -13.00
C GLY A 29 -15.32 0.34 -12.46
N GLY A 30 -15.67 1.63 -12.41
CA GLY A 30 -17.02 2.05 -12.17
C GLY A 30 -17.27 2.82 -10.89
N SER A 31 -16.39 2.73 -9.89
N SER A 31 -16.38 2.73 -9.89
CA SER A 31 -16.66 3.29 -8.57
CA SER A 31 -16.67 3.32 -8.59
C SER A 31 -15.43 4.04 -8.06
C SER A 31 -15.45 4.03 -8.02
N THR A 32 -15.67 5.22 -7.51
CA THR A 32 -14.58 6.08 -7.03
C THR A 32 -14.00 5.54 -5.74
N GLY A 33 -12.67 5.46 -5.70
CA GLY A 33 -11.97 5.12 -4.47
C GLY A 33 -10.55 4.73 -4.77
N PHE A 34 -9.81 4.46 -3.70
CA PHE A 34 -8.39 4.19 -3.83
C PHE A 34 -8.11 2.72 -4.07
N SER A 35 -7.08 2.47 -4.88
CA SER A 35 -6.63 1.14 -5.22
C SER A 35 -5.17 0.97 -4.85
N ARG A 36 -4.75 -0.29 -4.72
CA ARG A 36 -3.33 -0.64 -4.63
C ARG A 36 -2.89 -1.00 -6.03
N VAL A 37 -1.96 -0.20 -6.57
CA VAL A 37 -1.54 -0.30 -7.96
C VAL A 37 -0.11 -0.84 -8.01
N HIS A 38 0.04 -1.97 -8.65
CA HIS A 38 1.33 -2.61 -8.87
C HIS A 38 1.79 -2.40 -10.29
N ILE A 39 3.11 -2.52 -10.48
CA ILE A 39 3.69 -2.89 -11.76
C ILE A 39 4.25 -4.28 -11.58
N TYR A 40 3.90 -5.18 -12.51
CA TYR A 40 4.30 -6.57 -12.48
C TYR A 40 5.24 -6.82 -13.63
N HIS A 41 6.36 -7.46 -13.33
CA HIS A 41 7.41 -7.76 -14.29
C HIS A 41 7.35 -9.25 -14.60
N HIS A 42 6.98 -9.58 -15.83
CA HIS A 42 7.10 -10.94 -16.35
C HIS A 42 8.58 -11.18 -16.63
N THR A 43 9.27 -11.84 -15.68
CA THR A 43 10.71 -11.97 -15.73
C THR A 43 11.17 -12.80 -16.93
N GLY A 44 10.36 -13.76 -17.37
CA GLY A 44 10.70 -14.56 -18.52
C GLY A 44 10.95 -13.75 -19.78
N ASN A 45 9.97 -12.96 -20.23
CA ASN A 45 10.13 -12.23 -21.48
C ASN A 45 10.35 -10.74 -21.27
N ASN A 46 10.54 -10.32 -20.03
CA ASN A 46 10.90 -8.93 -19.75
C ASN A 46 9.82 -7.96 -20.21
N THR A 47 8.56 -8.30 -19.94
CA THR A 47 7.45 -7.39 -20.16
C THR A 47 6.87 -6.94 -18.84
N PHE A 48 6.14 -5.83 -18.88
CA PHE A 48 5.55 -5.26 -17.67
C PHE A 48 4.07 -4.98 -17.90
N ARG A 49 3.32 -4.97 -16.81
CA ARG A 49 1.96 -4.46 -16.86
C ARG A 49 1.59 -3.79 -15.55
N VAL A 50 0.58 -2.92 -15.63
CA VAL A 50 0.03 -2.20 -14.48
C VAL A 50 -1.25 -2.91 -14.07
N VAL A 51 -1.32 -3.32 -12.81
CA VAL A 51 -2.50 -4.00 -12.25
C VAL A 51 -2.87 -3.32 -10.94
N GLY A 52 -4.10 -2.87 -10.84
CA GLY A 52 -4.59 -2.23 -9.63
C GLY A 52 -5.88 -2.86 -9.14
N ARG A 53 -6.01 -2.94 -7.82
CA ARG A 53 -7.19 -3.50 -7.17
C ARG A 53 -7.73 -2.54 -6.11
N LYS A 54 -9.04 -2.31 -6.14
CA LYS A 54 -9.70 -1.46 -5.14
C LYS A 54 -9.43 -2.00 -3.74
N ILE A 55 -9.04 -1.13 -2.81
CA ILE A 55 -8.75 -1.57 -1.46
C ILE A 55 -9.98 -2.25 -0.85
N GLN A 56 -11.15 -1.60 -0.94
CA GLN A 56 -12.38 -2.07 -0.31
C GLN A 56 -12.74 -3.49 -0.77
N ASP A 57 -13.00 -3.68 -2.06
CA ASP A 57 -13.60 -4.92 -2.54
C ASP A 57 -12.71 -5.77 -3.45
N HIS A 58 -11.46 -5.36 -3.69
CA HIS A 58 -10.50 -6.15 -4.46
C HIS A 58 -10.79 -6.15 -5.96
N GLN A 59 -11.70 -5.32 -6.44
CA GLN A 59 -12.03 -5.30 -7.86
C GLN A 59 -10.78 -4.86 -8.60
N VAL A 60 -10.47 -5.55 -9.69
CA VAL A 60 -9.35 -5.14 -10.54
C VAL A 60 -9.85 -3.98 -11.40
N VAL A 61 -9.25 -2.80 -11.23
CA VAL A 61 -9.72 -1.61 -11.93
C VAL A 61 -8.84 -1.22 -13.12
N ILE A 62 -7.64 -1.78 -13.21
CA ILE A 62 -6.73 -1.52 -14.33
C ILE A 62 -5.89 -2.77 -14.55
N ASN A 63 -5.66 -3.09 -15.82
CA ASN A 63 -4.82 -4.24 -16.17
C ASN A 63 -4.33 -3.99 -17.61
N CYS A 64 -3.23 -3.25 -17.72
CA CYS A 64 -2.78 -2.78 -19.03
C CYS A 64 -1.29 -3.00 -19.18
N ALA A 65 -0.91 -3.43 -20.38
CA ALA A 65 0.50 -3.58 -20.71
C ALA A 65 1.20 -2.22 -20.76
N ILE A 66 2.48 -2.23 -20.42
CA ILE A 66 3.34 -1.07 -20.57
C ILE A 66 4.17 -1.32 -21.83
N PRO A 67 3.83 -0.69 -22.96
CA PRO A 67 4.59 -0.92 -24.19
C PRO A 67 5.90 -0.15 -24.21
N LYS A 68 6.86 -0.69 -24.95
CA LYS A 68 8.12 -0.01 -25.14
C LYS A 68 7.89 1.31 -25.87
N GLY A 69 8.56 2.34 -25.39
CA GLY A 69 8.40 3.68 -25.94
C GLY A 69 7.31 4.51 -25.30
N LEU A 70 6.62 3.99 -24.29
N LEU A 70 6.63 4.00 -24.27
CA LEU A 70 5.52 4.73 -23.69
CA LEU A 70 5.51 4.72 -23.69
C LEU A 70 5.99 6.10 -23.23
C LEU A 70 5.96 6.08 -23.18
N LYS A 71 5.15 7.10 -23.44
CA LYS A 71 5.34 8.43 -22.88
C LYS A 71 4.51 8.55 -21.60
N TYR A 72 5.19 8.71 -20.48
CA TYR A 72 4.57 8.75 -19.16
C TYR A 72 4.62 10.19 -18.68
N ASN A 73 3.44 10.78 -18.48
CA ASN A 73 3.31 12.18 -18.17
C ASN A 73 3.10 12.36 -16.68
N GLN A 74 4.05 13.02 -16.02
CA GLN A 74 3.88 13.43 -14.62
C GLN A 74 3.30 14.83 -14.63
N ALA A 75 1.96 14.88 -14.75
CA ALA A 75 1.26 16.14 -14.89
C ALA A 75 1.40 17.01 -13.66
N THR A 76 1.25 16.43 -12.47
CA THR A 76 1.60 17.04 -11.20
C THR A 76 2.40 16.03 -10.37
N GLN A 77 2.83 16.44 -9.19
CA GLN A 77 3.55 15.52 -8.32
C GLN A 77 2.67 14.37 -7.82
N THR A 78 1.34 14.53 -7.86
CA THR A 78 0.43 13.47 -7.41
C THR A 78 -0.57 12.99 -8.47
N PHE A 79 -0.44 13.41 -9.75
CA PHE A 79 -1.32 12.90 -10.80
C PHE A 79 -0.49 12.61 -12.05
N HIS A 80 -0.29 11.33 -12.35
CA HIS A 80 0.40 10.94 -13.57
C HIS A 80 -0.56 10.20 -14.51
N GLN A 81 -0.19 10.15 -15.78
CA GLN A 81 -1.13 9.63 -16.76
C GLN A 81 -0.36 9.15 -17.96
N TRP A 82 -1.02 8.32 -18.77
CA TRP A 82 -0.42 7.82 -20.00
C TRP A 82 -1.54 7.36 -20.90
N ARG A 83 -1.19 7.10 -22.15
CA ARG A 83 -2.15 6.76 -23.20
C ARG A 83 -1.71 5.48 -23.87
N ASP A 84 -2.69 4.78 -24.44
CA ASP A 84 -2.39 3.80 -25.47
C ASP A 84 -3.42 3.95 -26.56
N ALA A 85 -3.47 2.96 -27.46
CA ALA A 85 -4.33 3.04 -28.63
C ALA A 85 -5.81 3.10 -28.27
N ARG A 86 -6.16 2.74 -27.02
CA ARG A 86 -7.53 2.46 -26.63
C ARG A 86 -8.03 3.30 -25.46
N GLN A 87 -7.14 3.81 -24.62
CA GLN A 87 -7.55 4.43 -23.36
C GLN A 87 -6.50 5.45 -22.96
N VAL A 88 -6.94 6.47 -22.23
CA VAL A 88 -6.07 7.33 -21.43
C VAL A 88 -6.32 7.03 -19.97
N TYR A 89 -5.24 6.78 -19.24
CA TYR A 89 -5.28 6.36 -17.85
C TYR A 89 -4.69 7.44 -16.97
N GLY A 90 -5.25 7.60 -15.78
CA GLY A 90 -4.77 8.57 -14.84
C GLY A 90 -4.65 7.96 -13.46
N LEU A 91 -3.57 8.27 -12.78
CA LEU A 91 -3.38 7.77 -11.41
C LEU A 91 -3.32 8.96 -10.49
N ASN A 92 -4.35 9.09 -9.63
CA ASN A 92 -4.38 10.17 -8.65
C ASN A 92 -3.86 9.59 -7.35
N PHE A 93 -2.58 9.78 -7.11
CA PHE A 93 -1.91 9.11 -6.01
C PHE A 93 -2.37 9.69 -4.68
N GLY A 94 -2.38 8.85 -3.66
CA GLY A 94 -2.77 9.33 -2.35
C GLY A 94 -1.71 10.17 -1.65
N SER A 95 -0.47 10.17 -2.14
CA SER A 95 0.58 11.01 -1.61
C SER A 95 1.68 11.15 -2.66
N LYS A 96 2.57 12.11 -2.42
CA LYS A 96 3.75 12.25 -3.29
C LYS A 96 4.68 11.06 -3.17
N GLU A 97 4.78 10.47 -1.97
N GLU A 97 4.76 10.46 -1.97
CA GLU A 97 5.59 9.26 -1.81
CA GLU A 97 5.59 9.27 -1.79
C GLU A 97 5.10 8.17 -2.75
C GLU A 97 5.10 8.12 -2.67
N ASP A 98 3.78 7.90 -2.74
CA ASP A 98 3.22 6.91 -3.65
C ASP A 98 3.52 7.24 -5.09
N ALA A 99 3.33 8.50 -5.48
CA ALA A 99 3.65 8.92 -6.84
C ALA A 99 5.09 8.62 -7.20
N ASN A 100 6.02 8.93 -6.31
CA ASN A 100 7.45 8.67 -6.56
C ASN A 100 7.75 7.19 -6.62
N VAL A 101 7.21 6.40 -5.68
CA VAL A 101 7.36 4.95 -5.79
C VAL A 101 6.93 4.46 -7.17
N PHE A 102 5.73 4.83 -7.60
CA PHE A 102 5.21 4.30 -8.86
C PHE A 102 5.98 4.85 -10.07
N ALA A 103 6.12 6.17 -10.16
CA ALA A 103 6.93 6.76 -11.23
C ALA A 103 8.34 6.17 -11.31
N SER A 104 8.99 5.95 -10.15
N SER A 104 9.00 5.98 -10.16
CA SER A 104 10.32 5.37 -10.15
CA SER A 104 10.32 5.36 -10.19
C SER A 104 10.32 3.97 -10.76
C SER A 104 10.25 4.02 -10.88
N ALA A 105 9.26 3.20 -10.51
CA ALA A 105 9.19 1.86 -11.05
C ALA A 105 8.82 1.86 -12.53
N MET A 106 7.93 2.78 -12.92
CA MET A 106 7.57 2.91 -14.33
C MET A 106 8.75 3.34 -15.16
N MET A 107 9.54 4.29 -14.64
N MET A 107 9.54 4.30 -14.66
CA MET A 107 10.69 4.77 -15.39
CA MET A 107 10.69 4.77 -15.43
C MET A 107 11.74 3.68 -15.55
C MET A 107 11.75 3.69 -15.55
N HIS A 108 11.87 2.82 -14.54
CA HIS A 108 12.74 1.65 -14.67
C HIS A 108 12.23 0.73 -15.78
N ALA A 109 10.97 0.31 -15.69
CA ALA A 109 10.38 -0.51 -16.74
C ALA A 109 10.67 0.05 -18.12
N LEU A 110 10.50 1.36 -18.29
CA LEU A 110 10.63 1.97 -19.61
C LEU A 110 12.06 1.96 -20.11
N GLU A 111 13.03 2.02 -19.21
CA GLU A 111 14.43 1.96 -19.61
C GLU A 111 14.89 0.55 -19.93
N VAL A 112 14.32 -0.47 -19.26
CA VAL A 112 14.74 -1.84 -19.47
C VAL A 112 13.96 -2.54 -20.57
N LEU A 113 12.83 -1.98 -21.00
CA LEU A 113 12.11 -2.56 -22.12
C LEU A 113 12.93 -2.39 -23.38
N SER B 4 7.66 -19.78 5.21
CA SER B 4 7.84 -19.41 6.60
C SER B 4 6.70 -18.54 7.13
N GLU B 5 6.75 -17.24 6.85
CA GLU B 5 5.74 -16.29 7.31
C GLU B 5 5.02 -15.67 6.13
N GLN B 6 3.70 -15.58 6.21
CA GLN B 6 2.86 -15.05 5.14
C GLN B 6 2.18 -13.78 5.62
N SER B 7 2.22 -12.74 4.79
CA SER B 7 1.51 -11.51 5.12
C SER B 7 0.01 -11.74 5.01
N ILE B 8 -0.73 -11.22 5.98
CA ILE B 8 -2.17 -11.33 5.97
C ILE B 8 -2.86 -10.00 5.82
N CYS B 9 -2.15 -8.88 5.96
CA CYS B 9 -2.70 -7.58 5.61
C CYS B 9 -1.55 -6.61 5.32
N GLN B 10 -1.90 -5.52 4.63
CA GLN B 10 -1.02 -4.38 4.42
C GLN B 10 -1.87 -3.15 4.68
N ALA B 11 -1.39 -2.28 5.57
CA ALA B 11 -2.11 -1.05 5.85
C ALA B 11 -1.13 0.10 5.99
N ARG B 12 -1.57 1.28 5.53
CA ARG B 12 -0.77 2.51 5.61
C ARG B 12 -1.03 3.21 6.94
N ALA B 13 0.04 3.42 7.71
CA ALA B 13 -0.06 3.99 9.05
C ALA B 13 1.24 4.68 9.44
N ALA B 14 1.12 5.79 10.16
CA ALA B 14 2.25 6.36 10.88
C ALA B 14 2.38 5.64 12.22
N VAL B 15 3.48 4.96 12.41
CA VAL B 15 3.67 4.12 13.59
C VAL B 15 4.34 4.93 14.68
N MET B 16 3.75 4.90 15.88
N MET B 16 3.77 4.89 15.89
CA MET B 16 4.22 5.66 17.02
CA MET B 16 4.28 5.66 17.00
C MET B 16 4.37 4.76 18.24
C MET B 16 4.33 4.81 18.26
N VAL B 17 5.26 5.15 19.14
CA VAL B 17 5.41 4.52 20.45
C VAL B 17 5.28 5.62 21.49
N TYR B 18 4.77 5.28 22.68
CA TYR B 18 4.48 6.28 23.69
C TYR B 18 5.70 6.45 24.59
N ASP B 19 6.15 7.69 24.72
CA ASP B 19 7.23 8.09 25.62
C ASP B 19 6.63 8.23 27.01
N ASP B 20 6.73 7.14 27.76
CA ASP B 20 6.17 7.07 29.11
C ASP B 20 6.72 8.15 30.05
N ALA B 21 7.90 8.68 29.76
CA ALA B 21 8.55 9.65 30.62
C ALA B 21 8.13 11.07 30.29
N ASN B 22 8.12 11.40 29.01
CA ASN B 22 7.76 12.73 28.54
C ASN B 22 6.27 12.85 28.25
N LYS B 23 5.53 11.74 28.39
CA LYS B 23 4.07 11.71 28.20
C LYS B 23 3.67 12.23 26.82
N LYS B 24 4.30 11.69 25.78
CA LYS B 24 4.13 12.15 24.41
C LYS B 24 4.28 10.96 23.48
N TRP B 25 3.51 10.91 22.41
CA TRP B 25 3.78 9.95 21.36
C TRP B 25 4.97 10.41 20.55
N VAL B 26 5.76 9.46 20.08
CA VAL B 26 6.91 9.77 19.23
C VAL B 26 6.99 8.75 18.10
N PRO B 27 7.56 9.17 16.97
CA PRO B 27 7.60 8.26 15.82
C PRO B 27 8.42 7.01 16.11
N ALA B 28 7.86 5.87 15.75
CA ALA B 28 8.60 4.63 15.89
C ALA B 28 9.82 4.67 14.97
N GLY B 29 10.96 4.17 15.47
CA GLY B 29 12.18 4.17 14.71
C GLY B 29 12.86 5.53 14.56
N GLY B 30 12.30 6.59 15.09
CA GLY B 30 12.99 7.85 15.18
C GLY B 30 12.56 8.91 14.19
N SER B 31 11.79 8.55 13.15
CA SER B 31 11.52 9.49 12.07
C SER B 31 10.07 9.43 11.66
N THR B 32 9.46 10.62 11.59
CA THR B 32 8.07 10.78 11.20
C THR B 32 7.84 10.37 9.74
N GLY B 33 6.70 9.74 9.51
CA GLY B 33 6.30 9.37 8.17
C GLY B 33 5.42 8.14 8.19
N PHE B 34 4.87 7.84 7.02
CA PHE B 34 3.99 6.69 6.90
C PHE B 34 4.77 5.45 6.52
N SER B 35 4.31 4.31 7.05
CA SER B 35 4.88 2.99 6.82
C SER B 35 3.81 2.06 6.23
N ARG B 36 4.27 0.99 5.58
CA ARG B 36 3.43 -0.13 5.19
C ARG B 36 3.52 -1.15 6.31
N VAL B 37 2.40 -1.35 7.01
CA VAL B 37 2.33 -2.19 8.21
C VAL B 37 1.62 -3.49 7.86
N HIS B 38 2.33 -4.60 8.06
CA HIS B 38 1.81 -5.94 7.85
C HIS B 38 1.52 -6.60 9.19
N ILE B 39 0.62 -7.58 9.17
CA ILE B 39 0.62 -8.68 10.13
C ILE B 39 1.09 -9.92 9.37
N TYR B 40 2.14 -10.57 9.88
CA TYR B 40 2.68 -11.78 9.28
C TYR B 40 2.28 -12.98 10.11
N HIS B 41 1.79 -14.01 9.43
CA HIS B 41 1.34 -15.24 10.07
C HIS B 41 2.39 -16.32 9.82
N HIS B 42 3.05 -16.76 10.88
CA HIS B 42 3.97 -17.89 10.77
C HIS B 42 3.13 -19.16 10.82
N THR B 43 2.89 -19.74 9.65
CA THR B 43 2.02 -20.90 9.56
C THR B 43 2.53 -22.06 10.43
N GLY B 44 3.84 -22.14 10.64
CA GLY B 44 4.41 -23.27 11.34
C GLY B 44 4.08 -23.30 12.82
N ASN B 45 4.20 -22.16 13.49
CA ASN B 45 3.96 -22.08 14.92
C ASN B 45 2.62 -21.43 15.26
N ASN B 46 1.80 -21.12 14.27
CA ASN B 46 0.58 -20.32 14.44
C ASN B 46 0.84 -19.12 15.35
N THR B 47 1.85 -18.34 14.98
CA THR B 47 2.14 -17.09 15.67
C THR B 47 2.00 -15.92 14.70
N PHE B 48 1.86 -14.74 15.28
CA PHE B 48 1.65 -13.52 14.50
C PHE B 48 2.52 -12.41 15.04
N ARG B 49 3.02 -11.57 14.13
CA ARG B 49 3.72 -10.37 14.51
C ARG B 49 3.33 -9.25 13.55
N VAL B 50 3.44 -8.03 14.06
CA VAL B 50 3.25 -6.79 13.31
C VAL B 50 4.64 -6.32 12.89
N VAL B 51 4.83 -6.12 11.58
CA VAL B 51 6.09 -5.61 11.05
C VAL B 51 5.76 -4.45 10.11
N GLY B 52 6.34 -3.28 10.37
CA GLY B 52 6.16 -2.11 9.53
C GLY B 52 7.46 -1.53 9.01
N ARG B 53 7.43 -1.11 7.76
CA ARG B 53 8.58 -0.45 7.11
C ARG B 53 8.18 0.91 6.56
N LYS B 54 9.05 1.89 6.77
CA LYS B 54 8.84 3.24 6.25
C LYS B 54 8.79 3.19 4.73
N ILE B 55 7.82 3.90 4.14
CA ILE B 55 7.69 3.90 2.69
C ILE B 55 8.94 4.52 2.03
N GLN B 56 9.45 5.61 2.58
N GLN B 56 9.51 5.56 2.63
CA GLN B 56 10.60 6.30 1.99
CA GLN B 56 10.57 6.33 1.98
C GLN B 56 11.82 5.39 1.92
C GLN B 56 11.92 5.60 1.97
N ASP B 57 12.31 4.96 3.07
CA ASP B 57 13.63 4.31 3.16
C ASP B 57 13.63 2.86 3.61
N HIS B 58 12.46 2.24 3.77
CA HIS B 58 12.31 0.83 4.10
C HIS B 58 12.74 0.48 5.52
N GLN B 59 12.94 1.47 6.39
CA GLN B 59 13.37 1.18 7.76
C GLN B 59 12.26 0.45 8.48
N VAL B 60 12.61 -0.67 9.12
CA VAL B 60 11.68 -1.38 9.97
C VAL B 60 11.44 -0.53 11.22
N VAL B 61 10.22 -0.02 11.40
CA VAL B 61 9.91 0.84 12.53
C VAL B 61 9.16 0.09 13.63
N ILE B 62 8.61 -1.06 13.34
CA ILE B 62 7.90 -1.86 14.33
C ILE B 62 8.10 -3.32 13.96
N ASN B 63 8.36 -4.14 14.98
CA ASN B 63 8.50 -5.59 14.79
C ASN B 63 8.17 -6.23 16.14
N CYS B 64 6.90 -6.64 16.31
CA CYS B 64 6.51 -7.08 17.63
C CYS B 64 5.50 -8.22 17.54
N ALA B 65 5.60 -9.12 18.51
CA ALA B 65 4.71 -10.27 18.54
C ALA B 65 3.30 -9.85 18.97
N ILE B 66 2.31 -10.57 18.46
CA ILE B 66 0.93 -10.44 18.91
C ILE B 66 0.61 -11.63 19.80
N PRO B 67 0.59 -11.46 21.11
CA PRO B 67 0.28 -12.59 21.99
C PRO B 67 -1.22 -12.84 22.12
N LYS B 68 -1.56 -14.10 22.34
CA LYS B 68 -2.92 -14.47 22.70
C LYS B 68 -3.39 -13.64 23.88
N GLY B 69 -4.62 -13.16 23.81
CA GLY B 69 -5.18 -12.31 24.85
C GLY B 69 -4.99 -10.82 24.67
N LEU B 70 -4.21 -10.39 23.67
CA LEU B 70 -3.94 -8.97 23.51
C LEU B 70 -5.22 -8.16 23.52
N LYS B 71 -5.21 -7.08 24.28
CA LYS B 71 -6.27 -6.06 24.23
C LYS B 71 -5.89 -4.97 23.21
N TYR B 72 -6.55 -5.01 22.06
CA TYR B 72 -6.34 -4.08 20.96
C TYR B 72 -7.39 -2.96 21.06
N ASN B 73 -6.94 -1.73 21.26
CA ASN B 73 -7.84 -0.61 21.52
C ASN B 73 -8.01 0.20 20.24
N GLN B 74 -9.25 0.23 19.72
CA GLN B 74 -9.60 1.10 18.60
C GLN B 74 -10.09 2.42 19.16
N ALA B 75 -9.12 3.26 19.54
CA ALA B 75 -9.41 4.52 20.19
C ALA B 75 -10.25 5.42 19.31
N THR B 76 -9.92 5.47 18.02
CA THR B 76 -10.74 6.16 17.03
C THR B 76 -10.86 5.26 15.79
N GLN B 77 -11.54 5.77 14.78
CA GLN B 77 -11.63 5.04 13.51
C GLN B 77 -10.33 5.04 12.71
N THR B 78 -9.36 5.90 13.06
CA THR B 78 -8.07 5.93 12.39
C THR B 78 -6.86 5.86 13.32
N PHE B 79 -7.03 5.70 14.64
CA PHE B 79 -5.91 5.54 15.58
C PHE B 79 -6.18 4.37 16.51
N HIS B 80 -5.43 3.28 16.34
CA HIS B 80 -5.54 2.10 17.19
C HIS B 80 -4.22 1.89 17.94
N GLN B 81 -4.29 1.23 19.09
CA GLN B 81 -3.12 1.09 19.94
C GLN B 81 -3.21 -0.19 20.77
N TRP B 82 -2.05 -0.66 21.22
CA TRP B 82 -1.96 -1.82 22.10
C TRP B 82 -0.64 -1.72 22.87
N ARG B 83 -0.50 -2.59 23.88
CA ARG B 83 0.64 -2.56 24.77
C ARG B 83 1.30 -3.92 24.84
N ASP B 84 2.57 -3.90 25.26
CA ASP B 84 3.25 -5.10 25.72
C ASP B 84 3.83 -4.79 27.09
N ALA B 85 4.76 -5.62 27.57
CA ALA B 85 5.32 -5.41 28.90
C ALA B 85 6.26 -4.20 28.95
N ARG B 86 6.69 -3.70 27.80
CA ARG B 86 7.57 -2.52 27.78
C ARG B 86 6.88 -1.30 27.21
N GLN B 87 6.27 -1.41 26.04
CA GLN B 87 5.93 -0.24 25.25
C GLN B 87 4.44 -0.22 24.94
N VAL B 88 3.97 0.98 24.61
CA VAL B 88 2.66 1.21 24.04
C VAL B 88 2.86 1.64 22.58
N TYR B 89 2.20 0.92 21.69
CA TYR B 89 2.26 1.17 20.26
C TYR B 89 0.98 1.85 19.79
N GLY B 90 1.14 2.72 18.81
CA GLY B 90 0.01 3.38 18.18
C GLY B 90 0.18 3.31 16.68
N LEU B 91 -0.94 3.14 15.98
CA LEU B 91 -1.00 3.21 14.52
C LEU B 91 -1.97 4.31 14.15
N ASN B 92 -1.44 5.37 13.51
CA ASN B 92 -2.26 6.45 12.95
C ASN B 92 -2.42 6.12 11.47
N PHE B 93 -3.54 5.47 11.15
CA PHE B 93 -3.76 5.00 9.79
C PHE B 93 -4.01 6.18 8.85
N GLY B 94 -3.61 5.98 7.60
CA GLY B 94 -3.78 7.02 6.59
C GLY B 94 -5.20 7.20 6.09
N SER B 95 -6.06 6.22 6.37
CA SER B 95 -7.47 6.32 6.03
C SER B 95 -8.23 5.37 6.93
N LYS B 96 -9.56 5.51 6.96
CA LYS B 96 -10.41 4.53 7.62
C LYS B 96 -10.28 3.16 6.98
N GLU B 97 -10.15 3.11 5.65
CA GLU B 97 -10.05 1.82 4.99
C GLU B 97 -8.84 1.03 5.44
N ASP B 98 -7.70 1.72 5.65
CA ASP B 98 -6.51 1.07 6.16
C ASP B 98 -6.70 0.59 7.60
N ALA B 99 -7.34 1.40 8.43
CA ALA B 99 -7.65 1.01 9.80
C ALA B 99 -8.48 -0.25 9.84
N ASN B 100 -9.49 -0.35 8.96
CA ASN B 100 -10.37 -1.53 8.94
C ASN B 100 -9.63 -2.75 8.44
N VAL B 101 -8.82 -2.60 7.39
CA VAL B 101 -7.98 -3.72 6.93
C VAL B 101 -7.12 -4.24 8.07
N PHE B 102 -6.44 -3.36 8.78
CA PHE B 102 -5.55 -3.82 9.82
C PHE B 102 -6.32 -4.39 11.02
N ALA B 103 -7.30 -3.64 11.54
CA ALA B 103 -8.12 -4.14 12.65
C ALA B 103 -8.75 -5.48 12.33
N SER B 104 -9.21 -5.67 11.10
N SER B 104 -9.24 -5.67 11.10
CA SER B 104 -9.85 -6.94 10.72
CA SER B 104 -9.85 -6.94 10.72
C SER B 104 -8.86 -8.09 10.82
C SER B 104 -8.84 -8.07 10.87
N ALA B 105 -7.62 -7.86 10.39
CA ALA B 105 -6.61 -8.91 10.43
C ALA B 105 -6.13 -9.16 11.86
N MET B 106 -6.01 -8.08 12.65
CA MET B 106 -5.65 -8.20 14.06
C MET B 106 -6.72 -8.96 14.84
N MET B 107 -8.00 -8.65 14.60
CA MET B 107 -9.07 -9.36 15.29
C MET B 107 -9.16 -10.81 14.82
N HIS B 108 -8.83 -11.09 13.58
CA HIS B 108 -8.71 -12.48 13.13
C HIS B 108 -7.59 -13.19 13.87
N ALA B 109 -6.40 -12.59 13.93
CA ALA B 109 -5.28 -13.23 14.60
C ALA B 109 -5.60 -13.51 16.05
N LEU B 110 -6.30 -12.59 16.70
CA LEU B 110 -6.59 -12.75 18.12
C LEU B 110 -7.62 -13.83 18.40
N GLU B 111 -8.43 -14.19 17.41
CA GLU B 111 -9.32 -15.34 17.53
C GLU B 111 -8.60 -16.65 17.25
N VAL B 112 -7.60 -16.63 16.35
CA VAL B 112 -6.90 -17.85 15.98
C VAL B 112 -5.85 -18.22 17.03
N LEU B 113 -5.35 -17.25 17.78
CA LEU B 113 -4.35 -17.51 18.80
C LEU B 113 -5.04 -18.21 19.97
#